data_9FIC
#
_entry.id   9FIC
#
_cell.length_a   60.010
_cell.length_b   60.010
_cell.length_c   40.530
_cell.angle_alpha   90.000
_cell.angle_beta   90.000
_cell.angle_gamma   120.000
#
_symmetry.space_group_name_H-M   'P 61'
#
loop_
_entity.id
_entity.type
_entity.pdbx_description
1 polymer 'Neuroendocrine convertase 1'
2 non-polymer 'SODIUM ION'
3 water water
#
_entity_poly.entity_id   1
_entity_poly.type   'polypeptide(L)'
_entity_poly.pdbx_seq_one_letter_code
;GKRQFVNEWAAEIPGGPEAASAIAEELGYDLLGQIGSLENHYLFKHKNHPARSAASAFHITKRLSDDDRVIWAEQQYEKE
RSKR
;
_entity_poly.pdbx_strand_id   A
#
# COMPACT_ATOMS: atom_id res chain seq x y z
N GLY A 1 -6.62 -22.53 -8.96
N GLY A 1 -4.69 -22.86 -7.23
CA GLY A 1 -5.68 -22.09 -7.95
CA GLY A 1 -5.65 -22.09 -8.00
C GLY A 1 -5.19 -20.66 -8.17
C GLY A 1 -5.19 -20.66 -8.22
N LYS A 2 -6.13 -19.75 -8.37
CA LYS A 2 -5.79 -18.34 -8.54
C LYS A 2 -5.97 -17.58 -7.23
N ARG A 3 -5.26 -16.47 -7.14
N ARG A 3 -5.27 -16.47 -7.13
CA ARG A 3 -5.20 -15.68 -5.92
CA ARG A 3 -5.24 -15.68 -5.91
C ARG A 3 -5.92 -14.36 -6.14
C ARG A 3 -5.95 -14.35 -6.13
N GLN A 4 -6.62 -13.91 -5.10
N GLN A 4 -6.67 -13.93 -5.10
CA GLN A 4 -7.26 -12.62 -5.09
CA GLN A 4 -7.29 -12.62 -5.06
C GLN A 4 -6.32 -11.58 -4.48
C GLN A 4 -6.29 -11.58 -4.53
N PHE A 5 -6.65 -10.32 -4.70
CA PHE A 5 -5.92 -9.21 -4.14
C PHE A 5 -6.48 -8.90 -2.76
N VAL A 6 -5.61 -8.45 -1.88
CA VAL A 6 -6.02 -7.93 -0.60
C VAL A 6 -5.96 -6.40 -0.63
N ASN A 7 -6.59 -5.77 0.37
CA ASN A 7 -6.58 -4.31 0.48
C ASN A 7 -5.33 -3.79 1.15
N GLU A 8 -4.19 -4.34 0.77
CA GLU A 8 -2.91 -3.93 1.34
C GLU A 8 -1.97 -3.54 0.20
N TRP A 9 -1.17 -2.51 0.48
CA TRP A 9 -0.26 -1.92 -0.49
C TRP A 9 1.13 -1.82 0.13
N ALA A 10 2.13 -2.24 -0.62
CA ALA A 10 3.52 -1.97 -0.28
C ALA A 10 3.92 -0.67 -0.97
N ALA A 11 4.78 0.10 -0.31
CA ALA A 11 5.23 1.36 -0.89
C ALA A 11 6.62 1.70 -0.40
N GLU A 12 7.41 2.30 -1.28
CA GLU A 12 8.73 2.79 -0.94
C GLU A 12 8.59 4.28 -0.65
N ILE A 13 8.97 4.69 0.55
CA ILE A 13 8.78 6.05 1.02
C ILE A 13 10.12 6.50 1.59
N PRO A 14 11.01 7.02 0.73
CA PRO A 14 12.36 7.36 1.21
C PRO A 14 12.40 8.35 2.35
N GLY A 15 11.36 9.16 2.52
CA GLY A 15 11.33 10.13 3.60
C GLY A 15 11.26 9.52 4.98
N GLY A 16 10.89 8.24 5.07
CA GLY A 16 11.03 7.52 6.30
C GLY A 16 9.73 7.25 7.03
N PRO A 17 9.84 6.83 8.30
N PRO A 17 9.86 6.78 8.28
CA PRO A 17 8.67 6.27 8.98
CA PRO A 17 8.69 6.28 9.01
C PRO A 17 7.65 7.31 9.39
C PRO A 17 7.64 7.35 9.27
N GLU A 18 8.07 8.54 9.66
CA GLU A 18 7.11 9.59 9.96
C GLU A 18 6.28 9.92 8.74
N ALA A 19 6.93 10.08 7.58
CA ALA A 19 6.21 10.28 6.33
C ALA A 19 5.24 9.15 6.05
N ALA A 20 5.65 7.90 6.33
CA ALA A 20 4.75 6.77 6.11
C ALA A 20 3.46 6.93 6.89
N SER A 21 3.55 7.31 8.17
N SER A 21 3.55 7.31 8.16
CA SER A 21 2.34 7.52 8.96
CA SER A 21 2.36 7.52 8.96
C SER A 21 1.50 8.67 8.43
C SER A 21 1.50 8.66 8.41
N ALA A 22 2.14 9.75 7.99
CA ALA A 22 1.40 10.88 7.46
C ALA A 22 0.69 10.52 6.17
N ILE A 23 1.36 9.75 5.32
CA ILE A 23 0.74 9.31 4.07
C ILE A 23 -0.47 8.44 4.36
N ALA A 24 -0.33 7.51 5.30
CA ALA A 24 -1.44 6.63 5.63
C ALA A 24 -2.65 7.45 6.03
N GLU A 25 -2.47 8.41 6.93
N GLU A 25 -2.45 8.42 6.92
CA GLU A 25 -3.60 9.20 7.38
CA GLU A 25 -3.58 9.22 7.40
C GLU A 25 -4.23 9.97 6.22
C GLU A 25 -4.22 9.99 6.25
N GLU A 26 -3.39 10.60 5.39
CA GLU A 26 -3.92 11.47 4.34
C GLU A 26 -4.69 10.66 3.31
N LEU A 27 -4.20 9.49 2.93
CA LEU A 27 -4.75 8.75 1.81
C LEU A 27 -5.69 7.63 2.22
N GLY A 28 -5.94 7.47 3.52
CA GLY A 28 -7.00 6.57 3.97
C GLY A 28 -6.57 5.15 4.27
N TYR A 29 -5.39 4.97 4.83
CA TYR A 29 -4.88 3.67 5.21
C TYR A 29 -4.55 3.63 6.68
N ASP A 30 -4.47 2.43 7.22
CA ASP A 30 -3.68 2.17 8.42
C ASP A 30 -2.29 1.71 7.99
N LEU A 31 -1.28 2.23 8.68
CA LEU A 31 0.06 1.71 8.48
C LEU A 31 0.17 0.38 9.19
N LEU A 32 0.61 -0.66 8.47
CA LEU A 32 0.87 -1.94 9.10
C LEU A 32 2.30 -2.07 9.59
N GLY A 33 3.26 -1.51 8.88
CA GLY A 33 4.63 -1.47 9.35
C GLY A 33 5.62 -1.58 8.21
N GLN A 34 6.82 -2.02 8.58
CA GLN A 34 7.92 -2.17 7.64
C GLN A 34 7.93 -3.56 7.03
N ILE A 35 8.21 -3.63 5.73
CA ILE A 35 8.31 -4.89 5.03
C ILE A 35 9.44 -4.78 4.02
N GLY A 36 9.49 -5.74 3.10
CA GLY A 36 10.30 -5.60 1.91
C GLY A 36 11.76 -5.82 2.24
N SER A 37 12.56 -5.61 1.21
CA SER A 37 13.99 -5.81 1.27
C SER A 37 14.76 -4.53 1.52
N LEU A 38 14.10 -3.37 1.53
CA LEU A 38 14.72 -2.10 1.81
C LEU A 38 14.11 -1.47 3.06
N GLU A 39 14.87 -0.55 3.66
CA GLU A 39 14.51 -0.01 4.97
C GLU A 39 13.19 0.75 4.93
N ASN A 40 13.02 1.57 3.91
CA ASN A 40 11.87 2.46 3.79
C ASN A 40 10.80 1.87 2.90
N HIS A 41 10.56 0.57 3.03
CA HIS A 41 9.42 -0.11 2.42
C HIS A 41 8.40 -0.38 3.50
N TYR A 42 7.16 0.03 3.25
CA TYR A 42 6.10 0.01 4.24
C TYR A 42 4.89 -0.68 3.64
N LEU A 43 4.10 -1.29 4.52
CA LEU A 43 2.86 -1.96 4.15
C LEU A 43 1.71 -1.18 4.78
N PHE A 44 0.69 -0.91 3.98
CA PHE A 44 -0.49 -0.16 4.35
C PHE A 44 -1.73 -1.03 4.11
N LYS A 45 -2.75 -0.81 4.93
CA LYS A 45 -4.03 -1.48 4.79
C LYS A 45 -5.10 -0.41 4.57
N HIS A 46 -5.77 -0.49 3.44
CA HIS A 46 -6.75 0.53 3.08
C HIS A 46 -7.97 0.39 4.00
N LYS A 47 -8.48 1.53 4.47
CA LYS A 47 -9.55 1.51 5.45
C LYS A 47 -10.93 1.21 4.87
N ASN A 48 -11.10 1.31 3.55
CA ASN A 48 -12.43 1.13 2.99
C ASN A 48 -12.54 0.08 1.89
N HIS A 49 -11.46 -0.18 1.17
CA HIS A 49 -11.49 -1.13 0.08
C HIS A 49 -11.69 -2.56 0.61
N PRO A 50 -12.39 -3.42 -0.13
CA PRO A 50 -12.62 -4.78 0.35
C PRO A 50 -11.35 -5.55 0.69
N ALA A 51 -11.45 -6.34 1.76
CA ALA A 51 -10.33 -7.15 2.22
C ALA A 51 -9.83 -8.11 1.16
N ARG A 52 -10.73 -8.67 0.34
CA ARG A 52 -10.38 -9.69 -0.64
C ARG A 52 -11.24 -9.46 -1.87
N SER A 53 -10.60 -9.37 -3.04
CA SER A 53 -11.33 -9.19 -4.28
C SER A 53 -10.45 -9.64 -5.44
N ALA A 54 -11.07 -10.17 -6.49
CA ALA A 54 -10.33 -10.40 -7.72
C ALA A 54 -9.93 -9.10 -8.41
N ALA A 55 -10.57 -7.99 -8.06
CA ALA A 55 -10.27 -6.74 -8.74
C ALA A 55 -8.87 -6.27 -8.43
N SER A 56 -8.17 -5.83 -9.47
CA SER A 56 -6.87 -5.18 -9.34
C SER A 56 -7.14 -3.68 -9.21
N ALA A 57 -6.92 -3.14 -8.02
CA ALA A 57 -7.33 -1.79 -7.66
C ALA A 57 -6.28 -0.76 -8.09
N PHE A 58 -6.07 -0.74 -9.41
CA PHE A 58 -5.01 0.07 -10.02
C PHE A 58 -5.19 1.55 -9.70
N HIS A 59 -6.44 1.99 -9.48
CA HIS A 59 -6.72 3.40 -9.25
C HIS A 59 -6.28 3.83 -7.86
N ILE A 60 -6.36 2.92 -6.89
CA ILE A 60 -5.83 3.21 -5.56
C ILE A 60 -4.32 3.21 -5.59
N THR A 61 -3.72 2.26 -6.32
CA THR A 61 -2.27 2.24 -6.46
C THR A 61 -1.78 3.53 -7.08
N LYS A 62 -2.47 4.02 -8.11
N LYS A 62 -2.47 4.02 -8.11
CA LYS A 62 -2.03 5.23 -8.78
CA LYS A 62 -2.03 5.23 -8.80
C LYS A 62 -2.08 6.44 -7.87
C LYS A 62 -2.08 6.44 -7.87
N ARG A 63 -3.13 6.55 -7.05
CA ARG A 63 -3.21 7.68 -6.12
C ARG A 63 -2.04 7.63 -5.14
N LEU A 64 -1.67 6.44 -4.68
CA LEU A 64 -0.58 6.32 -3.73
C LEU A 64 0.76 6.64 -4.40
N SER A 65 1.00 6.06 -5.57
N SER A 65 0.98 6.05 -5.58
CA SER A 65 2.28 6.31 -6.23
CA SER A 65 2.21 6.25 -6.34
C SER A 65 2.37 7.70 -6.84
C SER A 65 2.35 7.71 -6.78
N ASP A 66 1.23 8.38 -7.05
CA ASP A 66 1.27 9.75 -7.54
C ASP A 66 1.69 10.74 -6.46
N ASP A 67 1.69 10.35 -5.19
CA ASP A 67 2.24 11.22 -4.16
C ASP A 67 3.75 11.25 -4.28
N ASP A 68 4.33 12.45 -4.25
CA ASP A 68 5.76 12.55 -4.47
C ASP A 68 6.59 11.95 -3.35
N ARG A 69 6.00 11.71 -2.18
CA ARG A 69 6.76 11.04 -1.12
C ARG A 69 6.92 9.56 -1.39
N VAL A 70 6.09 9.01 -2.28
CA VAL A 70 6.04 7.58 -2.56
C VAL A 70 6.67 7.37 -3.92
N ILE A 71 7.77 6.63 -3.98
CA ILE A 71 8.40 6.45 -5.28
C ILE A 71 7.91 5.19 -5.99
N TRP A 72 7.29 4.26 -5.27
CA TRP A 72 6.82 3.00 -5.82
C TRP A 72 5.71 2.49 -4.93
N ALA A 73 4.68 1.90 -5.53
CA ALA A 73 3.61 1.32 -4.75
C ALA A 73 3.06 0.11 -5.49
N GLU A 74 2.55 -0.86 -4.72
CA GLU A 74 2.15 -2.15 -5.28
C GLU A 74 1.02 -2.74 -4.44
N GLN A 75 -0.14 -2.98 -5.03
CA GLN A 75 -1.16 -3.75 -4.34
C GLN A 75 -0.68 -5.20 -4.20
N GLN A 76 -0.96 -5.80 -3.04
CA GLN A 76 -0.52 -7.15 -2.74
C GLN A 76 -1.59 -8.19 -3.04
N TYR A 77 -1.15 -9.32 -3.57
CA TYR A 77 -2.01 -10.49 -3.60
C TYR A 77 -2.11 -11.11 -2.21
N GLU A 78 -3.19 -11.84 -1.99
CA GLU A 78 -3.30 -12.64 -0.80
C GLU A 78 -2.19 -13.70 -0.81
N LYS A 79 -1.83 -14.17 0.38
CA LYS A 79 -0.76 -15.16 0.53
C LYS A 79 -1.22 -16.50 0.00
#